data_7B89
#
_entry.id   7B89
#
_cell.length_a   60.503
_cell.length_b   72.347
_cell.length_c   78.777
_cell.angle_alpha   90.000
_cell.angle_beta   90.000
_cell.angle_gamma   90.000
#
_symmetry.space_group_name_H-M   'P 21 21 21'
#
loop_
_entity.id
_entity.type
_entity.pdbx_description
1 polymer 'Palmitoleoyl-protein carboxylesterase NOTUM'
2 non-polymer 'SULFATE ION'
3 non-polymer 2-acetamido-2-deoxy-beta-D-glucopyranose
4 non-polymer [1-(3,4-dichlorophenyl)-1,2,3-triazol-4-yl]methanol
5 non-polymer 1,2-ETHANEDIOL
6 water water
#
_entity_poly.entity_id   1
_entity_poly.type   'polypeptide(L)'
_entity_poly.pdbx_seq_one_letter_code
;ETGSAQQLNEDLRLHLLLNTSVTCNDGSPAGYYLKESRGSRRWLLFLEGGWYCFNRENCDSRYDTMRRLMSSRDWPRTRT
GTGILSSQPEENPYWWNANMVFIPYCSSDVWSGASSKSEKNEYAFMGALIIQEVVRELLGRGLSGAKVLLLAGSSAGGTG
VLLNVDRVAEQLEKLGYPAIQVRGLADSGWFLDNKQYRHTDCVDTITCAPTEAIRRGIRYWNGVVPERCRRQFQEGEEWN
CFFGYKVYPTLRSPVFVVQWLFDEAQLTVDNVHLTGQPVQEGLRLYIQNLGRELRHTLKDVPASFAPACLSHEIIIRSHW
TDVQVKGTSLPRALHCWDRSLHDSHKASKTPLKGCPVHLVDSCPWPHCNPSCPTGTKHHHHHH
;
_entity_poly.pdbx_strand_id   A
#
loop_
_chem_comp.id
_chem_comp.type
_chem_comp.name
_chem_comp.formula
EDO non-polymer 1,2-ETHANEDIOL 'C2 H6 O2'
NAG D-saccharide, beta linking 2-acetamido-2-deoxy-beta-D-glucopyranose 'C8 H15 N O6'
SO4 non-polymer 'SULFATE ION' 'O4 S -2'
T1Z non-polymer [1-(3,4-dichlorophenyl)-1,2,3-triazol-4-yl]methanol 'C9 H7 Cl2 N3 O'
#
# COMPACT_ATOMS: atom_id res chain seq x y z
N ASP A 11 15.16 15.48 -6.96
CA ASP A 11 15.36 14.10 -7.37
C ASP A 11 15.79 13.22 -6.19
N LEU A 12 15.37 11.97 -6.24
CA LEU A 12 15.77 10.96 -5.26
C LEU A 12 16.79 10.03 -5.89
N ARG A 13 17.87 9.75 -5.16
CA ARG A 13 18.99 9.00 -5.70
C ARG A 13 18.92 7.53 -5.29
N LEU A 14 19.32 6.65 -6.21
CA LEU A 14 19.21 5.21 -5.98
C LEU A 14 20.37 4.69 -5.14
N HIS A 15 20.03 3.85 -4.16
CA HIS A 15 21.01 3.08 -3.40
C HIS A 15 20.59 1.62 -3.44
N LEU A 16 21.45 0.75 -3.98
CA LEU A 16 21.20 -0.68 -3.86
C LEU A 16 21.60 -1.16 -2.48
N LEU A 17 20.87 -2.17 -1.98
CA LEU A 17 21.11 -2.67 -0.64
C LEU A 17 22.49 -3.30 -0.54
N LEU A 18 23.24 -2.92 0.50
CA LEU A 18 24.57 -3.48 0.72
C LEU A 18 24.51 -4.95 1.12
N ASN A 19 23.40 -5.39 1.71
CA ASN A 19 23.17 -6.82 1.98
C ASN A 19 22.55 -7.41 0.73
N THR A 20 23.39 -7.99 -0.13
CA THR A 20 22.93 -8.50 -1.41
C THR A 20 22.19 -9.83 -1.31
N SER A 21 22.02 -10.39 -0.11
CA SER A 21 21.16 -11.56 0.05
CA SER A 21 21.16 -11.56 0.03
C SER A 21 19.68 -11.19 0.00
N VAL A 22 19.35 -9.90 0.08
CA VAL A 22 17.99 -9.40 0.03
C VAL A 22 17.76 -8.89 -1.39
N THR A 23 16.96 -9.64 -2.17
CA THR A 23 16.95 -9.47 -3.62
C THR A 23 15.54 -9.27 -4.15
N CYS A 24 15.49 -8.82 -5.41
CA CYS A 24 14.26 -8.81 -6.20
C CYS A 24 13.93 -10.23 -6.66
N ASN A 25 12.91 -10.34 -7.51
CA ASN A 25 12.43 -11.67 -7.91
C ASN A 25 13.52 -12.51 -8.56
N ASP A 26 14.37 -11.89 -9.39
CA ASP A 26 15.33 -12.64 -10.19
C ASP A 26 16.71 -12.71 -9.55
N GLY A 27 16.84 -12.34 -8.27
CA GLY A 27 18.11 -12.43 -7.58
C GLY A 27 18.96 -11.16 -7.61
N SER A 28 18.58 -10.18 -8.42
CA SER A 28 19.30 -8.91 -8.40
C SER A 28 18.96 -8.15 -7.10
N PRO A 29 19.87 -7.32 -6.61
CA PRO A 29 19.65 -6.68 -5.31
C PRO A 29 18.52 -5.66 -5.36
N ALA A 30 17.73 -5.63 -4.29
CA ALA A 30 16.71 -4.60 -4.13
C ALA A 30 17.36 -3.29 -3.69
N GLY A 31 16.55 -2.27 -3.48
CA GLY A 31 17.10 -0.99 -3.11
C GLY A 31 16.04 0.03 -2.74
N TYR A 32 16.46 1.29 -2.70
CA TYR A 32 15.61 2.41 -2.31
C TYR A 32 16.15 3.69 -2.93
N TYR A 33 15.26 4.65 -3.15
CA TYR A 33 15.63 5.99 -3.59
C TYR A 33 15.47 6.96 -2.43
N LEU A 34 16.48 7.81 -2.22
CA LEU A 34 16.55 8.66 -1.03
C LEU A 34 16.81 10.12 -1.40
N LYS A 35 16.09 11.02 -0.76
CA LYS A 35 16.40 12.45 -0.76
C LYS A 35 16.36 12.93 0.68
N GLU A 36 17.52 13.30 1.22
CA GLU A 36 17.62 13.68 2.62
C GLU A 36 17.22 15.16 2.80
N SER A 37 16.78 15.48 4.02
CA SER A 37 16.43 16.84 4.41
C SER A 37 17.08 17.06 5.78
N ARG A 38 18.29 17.61 5.78
CA ARG A 38 19.11 17.68 6.98
C ARG A 38 18.41 18.38 8.15
N GLY A 39 17.44 19.24 7.87
CA GLY A 39 16.78 19.97 8.94
C GLY A 39 15.48 19.35 9.41
N SER A 40 15.31 18.05 9.22
CA SER A 40 14.05 17.40 9.52
C SER A 40 14.27 16.09 10.28
N ARG A 41 13.40 15.85 11.26
CA ARG A 41 13.32 14.55 11.93
C ARG A 41 12.08 13.77 11.50
N ARG A 42 11.51 14.11 10.34
CA ARG A 42 10.41 13.36 9.75
C ARG A 42 10.93 12.53 8.58
N TRP A 43 10.47 11.28 8.50
CA TRP A 43 10.88 10.35 7.45
C TRP A 43 9.64 9.72 6.85
N LEU A 44 9.58 9.69 5.52
CA LEU A 44 8.42 9.13 4.83
C LEU A 44 8.95 8.01 3.94
N LEU A 45 8.52 6.78 4.20
CA LEU A 45 8.94 5.63 3.42
C LEU A 45 7.75 5.11 2.62
N PHE A 46 7.84 5.20 1.29
CA PHE A 46 6.71 4.92 0.42
C PHE A 46 6.91 3.59 -0.31
N LEU A 47 5.87 2.76 -0.33
CA LEU A 47 5.91 1.43 -0.93
C LEU A 47 5.16 1.46 -2.26
N GLU A 48 5.86 1.15 -3.35
CA GLU A 48 5.25 1.11 -4.67
C GLU A 48 4.28 -0.08 -4.76
N GLY A 49 3.31 0.04 -5.67
CA GLY A 49 2.35 -1.03 -5.91
C GLY A 49 2.41 -1.59 -7.31
N GLY A 50 1.39 -2.38 -7.69
CA GLY A 50 1.33 -2.95 -9.02
C GLY A 50 1.04 -4.44 -9.07
N TRP A 51 -0.09 -4.85 -8.53
CA TRP A 51 -0.59 -6.23 -8.59
C TRP A 51 0.43 -7.19 -7.98
N TYR A 52 0.50 -8.41 -8.50
CA TYR A 52 1.30 -9.49 -7.93
C TYR A 52 1.29 -10.65 -8.91
N CYS A 53 2.08 -11.69 -8.60
CA CYS A 53 1.97 -12.96 -9.30
C CYS A 53 2.06 -14.08 -8.28
N PHE A 54 1.41 -15.22 -8.58
CA PHE A 54 1.25 -16.27 -7.57
C PHE A 54 1.56 -17.68 -8.07
N ASN A 55 2.05 -17.88 -9.29
CA ASN A 55 2.49 -19.20 -9.71
C ASN A 55 3.57 -19.02 -10.75
N ARG A 56 4.07 -20.15 -11.28
CA ARG A 56 5.18 -20.06 -12.24
C ARG A 56 4.74 -19.48 -13.58
N GLU A 57 3.51 -19.74 -14.04
CA GLU A 57 3.14 -19.36 -15.40
C GLU A 57 2.97 -17.88 -15.49
N ASN A 58 2.30 -17.28 -14.50
CA ASN A 58 2.01 -15.86 -14.55
C ASN A 58 3.14 -15.01 -13.99
N CYS A 59 4.08 -15.61 -13.24
CA CYS A 59 5.29 -14.85 -12.90
C CYS A 59 6.24 -14.77 -14.08
N ASP A 60 6.33 -15.84 -14.88
CA ASP A 60 7.11 -15.79 -16.11
C ASP A 60 6.56 -14.73 -17.06
N SER A 61 5.23 -14.64 -17.16
N SER A 61 5.23 -14.63 -17.16
CA SER A 61 4.61 -13.63 -18.03
CA SER A 61 4.64 -13.63 -18.04
C SER A 61 4.95 -12.22 -17.54
C SER A 61 4.93 -12.21 -17.55
N ARG A 62 4.87 -12.00 -16.23
CA ARG A 62 5.21 -10.71 -15.65
C ARG A 62 6.67 -10.35 -15.92
N TYR A 63 7.55 -11.35 -15.91
CA TYR A 63 8.98 -11.10 -16.15
C TYR A 63 9.24 -10.66 -17.58
N ASP A 64 8.35 -10.96 -18.52
CA ASP A 64 8.56 -10.58 -19.91
C ASP A 64 8.20 -9.12 -20.16
N THR A 65 7.08 -8.65 -19.59
CA THR A 65 6.54 -7.34 -19.94
C THR A 65 6.38 -6.40 -18.74
N MET A 66 6.84 -6.79 -17.56
CA MET A 66 6.84 -5.92 -16.38
C MET A 66 8.10 -6.19 -15.56
N ARG A 67 9.26 -6.18 -16.22
CA ARG A 67 10.48 -6.64 -15.57
C ARG A 67 10.98 -5.68 -14.50
N ARG A 68 10.71 -4.38 -14.65
CA ARG A 68 11.09 -3.43 -13.61
C ARG A 68 10.42 -3.73 -12.27
N LEU A 69 9.30 -4.44 -12.29
CA LEU A 69 8.64 -4.89 -11.06
C LEU A 69 9.14 -6.25 -10.59
N MET A 70 10.22 -6.76 -11.18
CA MET A 70 10.76 -8.06 -10.81
C MET A 70 12.27 -8.09 -10.76
N SER A 71 12.93 -6.95 -11.00
CA SER A 71 14.38 -6.92 -11.20
C SER A 71 14.85 -5.48 -11.10
N SER A 72 16.07 -5.30 -10.61
CA SER A 72 16.66 -3.97 -10.48
C SER A 72 17.68 -3.66 -11.56
N ARG A 73 17.88 -4.55 -12.54
CA ARG A 73 19.03 -4.39 -13.40
C ARG A 73 18.89 -3.20 -14.34
N ASP A 74 17.66 -2.75 -14.59
CA ASP A 74 17.38 -1.64 -15.48
C ASP A 74 16.90 -0.39 -14.74
N TRP A 75 17.01 -0.35 -13.42
CA TRP A 75 16.54 0.81 -12.68
C TRP A 75 17.39 2.03 -13.04
N PRO A 76 16.78 3.22 -13.10
CA PRO A 76 17.55 4.45 -13.33
C PRO A 76 18.24 4.92 -12.05
N ARG A 77 19.21 5.82 -12.25
CA ARG A 77 20.00 6.31 -11.12
C ARG A 77 19.19 7.24 -10.22
N THR A 78 18.18 7.91 -10.77
CA THR A 78 17.37 8.84 -9.98
C THR A 78 15.90 8.73 -10.35
N ARG A 79 15.07 9.34 -9.51
CA ARG A 79 13.64 9.46 -9.72
C ARG A 79 13.17 10.79 -9.16
N THR A 80 12.12 11.34 -9.75
CA THR A 80 11.55 12.60 -9.30
C THR A 80 10.43 12.35 -8.30
N GLY A 81 10.46 13.05 -7.17
CA GLY A 81 9.41 12.94 -6.18
C GLY A 81 8.19 13.72 -6.61
N THR A 82 7.02 13.07 -6.57
CA THR A 82 5.77 13.69 -6.98
C THR A 82 4.73 13.49 -5.89
N GLY A 83 3.74 14.37 -5.88
CA GLY A 83 2.66 14.26 -4.90
C GLY A 83 3.18 14.39 -3.49
N ILE A 84 2.89 13.39 -2.66
CA ILE A 84 3.31 13.41 -1.26
C ILE A 84 4.83 13.24 -1.15
N LEU A 85 5.49 12.77 -2.21
CA LEU A 85 6.94 12.67 -2.25
C LEU A 85 7.60 13.91 -2.85
N SER A 86 6.84 14.97 -3.12
CA SER A 86 7.42 16.20 -3.63
C SER A 86 8.01 17.02 -2.49
N SER A 87 9.07 17.75 -2.81
CA SER A 87 9.71 18.64 -1.84
C SER A 87 9.28 20.09 -2.01
N GLN A 88 8.34 20.38 -2.92
CA GLN A 88 7.88 21.75 -3.05
C GLN A 88 6.57 21.93 -2.30
N PRO A 89 6.46 22.96 -1.45
CA PRO A 89 5.20 23.17 -0.72
C PRO A 89 4.01 23.41 -1.63
N GLU A 90 4.26 23.94 -2.83
CA GLU A 90 3.16 24.18 -3.77
C GLU A 90 2.46 22.88 -4.14
N GLU A 91 3.22 21.79 -4.28
CA GLU A 91 2.68 20.50 -4.68
C GLU A 91 2.39 19.58 -3.49
N ASN A 92 3.06 19.80 -2.36
CA ASN A 92 2.91 18.93 -1.18
C ASN A 92 2.80 19.82 0.05
N PRO A 93 1.60 20.30 0.36
CA PRO A 93 1.43 21.13 1.57
C PRO A 93 1.65 20.37 2.87
N TYR A 94 1.60 19.04 2.84
CA TYR A 94 1.71 18.20 4.03
C TYR A 94 3.15 18.12 4.57
N TRP A 95 4.00 17.37 3.88
CA TRP A 95 5.32 16.99 4.39
C TRP A 95 6.42 17.37 3.41
N TRP A 96 6.37 18.57 2.84
CA TRP A 96 7.33 18.94 1.80
C TRP A 96 8.77 18.94 2.30
N ASN A 97 9.01 19.12 3.60
CA ASN A 97 10.35 19.24 4.12
C ASN A 97 10.87 17.95 4.75
N ALA A 98 10.20 16.82 4.56
CA ALA A 98 10.62 15.59 5.19
C ALA A 98 11.70 14.89 4.36
N ASN A 99 12.40 13.95 5.00
CA ASN A 99 13.25 13.03 4.28
C ASN A 99 12.39 12.06 3.49
N MET A 100 12.70 11.88 2.20
CA MET A 100 11.87 11.12 1.29
C MET A 100 12.57 9.83 0.87
N VAL A 101 11.83 8.72 0.90
CA VAL A 101 12.31 7.41 0.47
C VAL A 101 11.25 6.75 -0.39
N PHE A 102 11.65 6.30 -1.58
CA PHE A 102 10.80 5.54 -2.48
C PHE A 102 11.37 4.15 -2.60
N ILE A 103 10.60 3.13 -2.20
CA ILE A 103 11.05 1.74 -2.22
C ILE A 103 10.40 1.05 -3.43
N PRO A 104 11.16 0.72 -4.47
CA PRO A 104 10.56 0.03 -5.62
C PRO A 104 10.00 -1.34 -5.23
N TYR A 105 8.91 -1.70 -5.90
CA TYR A 105 8.20 -2.96 -5.66
C TYR A 105 8.71 -3.97 -6.70
N CYS A 106 9.65 -4.82 -6.29
CA CYS A 106 10.24 -5.79 -7.20
C CYS A 106 10.13 -7.22 -6.65
N SER A 107 9.13 -7.48 -5.83
CA SER A 107 8.95 -8.80 -5.23
C SER A 107 7.61 -9.46 -5.54
N SER A 108 6.66 -8.73 -6.12
CA SER A 108 5.42 -9.31 -6.67
C SER A 108 4.66 -10.14 -5.64
N ASP A 109 4.79 -9.78 -4.36
CA ASP A 109 4.22 -10.59 -3.28
C ASP A 109 3.38 -9.77 -2.32
N VAL A 110 2.98 -8.55 -2.71
CA VAL A 110 2.15 -7.65 -1.92
C VAL A 110 2.96 -7.31 -0.67
N TRP A 111 4.28 -7.35 -0.79
CA TRP A 111 5.22 -7.00 0.27
C TRP A 111 5.14 -7.98 1.46
N SER A 112 4.85 -9.25 1.20
CA SER A 112 4.67 -10.21 2.28
C SER A 112 5.68 -11.35 2.31
N GLY A 113 6.48 -11.52 1.25
CA GLY A 113 7.27 -12.72 1.12
C GLY A 113 8.54 -12.72 1.97
N ALA A 114 9.04 -13.93 2.20
CA ALA A 114 10.29 -14.15 2.94
C ALA A 114 10.92 -15.46 2.47
N SER A 115 11.20 -15.55 1.17
N SER A 115 11.19 -15.55 1.16
CA SER A 115 11.79 -16.75 0.58
CA SER A 115 11.78 -16.75 0.57
C SER A 115 12.79 -16.37 -0.49
C SER A 115 12.80 -16.34 -0.48
N SER A 116 13.92 -17.06 -0.51
CA SER A 116 15.01 -16.77 -1.43
C SER A 116 14.88 -17.61 -2.70
N LYS A 117 15.57 -17.14 -3.75
CA LYS A 117 15.76 -17.96 -4.95
C LYS A 117 16.77 -19.05 -4.64
N SER A 118 16.43 -20.29 -4.99
CA SER A 118 17.24 -21.44 -4.60
C SER A 118 17.00 -22.57 -5.61
N GLU A 119 17.54 -23.76 -5.30
CA GLU A 119 17.38 -24.90 -6.19
C GLU A 119 15.93 -25.36 -6.29
N LYS A 120 15.08 -24.96 -5.33
CA LYS A 120 13.67 -25.31 -5.36
C LYS A 120 12.76 -24.14 -5.69
N ASN A 121 13.30 -22.93 -5.82
CA ASN A 121 12.52 -21.73 -6.12
C ASN A 121 13.14 -21.02 -7.30
N GLU A 122 12.37 -20.89 -8.39
CA GLU A 122 12.83 -20.09 -9.53
C GLU A 122 12.92 -18.60 -9.18
N TYR A 123 12.03 -18.11 -8.32
CA TYR A 123 11.98 -16.71 -7.98
C TYR A 123 12.11 -16.50 -6.47
N ALA A 124 12.70 -15.37 -6.10
CA ALA A 124 12.75 -14.93 -4.71
C ALA A 124 11.58 -13.99 -4.44
N PHE A 125 10.91 -14.21 -3.30
CA PHE A 125 9.82 -13.36 -2.84
C PHE A 125 10.21 -12.87 -1.44
N MET A 126 10.72 -11.64 -1.37
CA MET A 126 11.35 -11.15 -0.15
C MET A 126 10.79 -9.80 0.26
N GLY A 127 9.51 -9.55 -0.04
CA GLY A 127 8.94 -8.23 0.20
C GLY A 127 9.02 -7.79 1.65
N ALA A 128 8.76 -8.71 2.59
CA ALA A 128 8.80 -8.35 4.00
C ALA A 128 10.22 -8.06 4.45
N LEU A 129 11.20 -8.82 3.95
CA LEU A 129 12.59 -8.60 4.35
C LEU A 129 13.19 -7.37 3.68
N ILE A 130 12.69 -7.01 2.49
CA ILE A 130 13.16 -5.80 1.82
C ILE A 130 12.89 -4.57 2.69
N ILE A 131 11.67 -4.49 3.25
CA ILE A 131 11.31 -3.35 4.08
C ILE A 131 12.22 -3.27 5.30
N GLN A 132 12.46 -4.40 5.96
CA GLN A 132 13.27 -4.38 7.17
C GLN A 132 14.72 -4.04 6.89
N GLU A 133 15.26 -4.46 5.74
CA GLU A 133 16.65 -4.14 5.44
C GLU A 133 16.82 -2.68 5.03
N VAL A 134 15.81 -2.10 4.37
CA VAL A 134 15.85 -0.67 4.06
C VAL A 134 15.87 0.15 5.34
N VAL A 135 15.06 -0.25 6.32
CA VAL A 135 15.03 0.46 7.60
C VAL A 135 16.39 0.37 8.29
N ARG A 136 16.96 -0.84 8.31
CA ARG A 136 18.24 -1.03 9.01
C ARG A 136 19.33 -0.16 8.40
N GLU A 137 19.43 -0.15 7.07
CA GLU A 137 20.49 0.61 6.43
C GLU A 137 20.26 2.12 6.50
N LEU A 138 19.00 2.55 6.65
CA LEU A 138 18.72 3.97 6.78
C LEU A 138 19.06 4.52 8.16
N LEU A 139 19.09 3.67 9.19
CA LEU A 139 19.43 4.16 10.52
C LEU A 139 20.82 4.78 10.53
N GLY A 140 21.75 4.20 9.77
CA GLY A 140 23.04 4.83 9.54
C GLY A 140 23.00 6.05 8.64
N ARG A 141 21.90 6.29 7.93
CA ARG A 141 21.76 7.50 7.12
C ARG A 141 21.10 8.66 7.84
N GLY A 142 20.79 8.53 9.12
CA GLY A 142 20.14 9.60 9.86
C GLY A 142 18.76 9.26 10.38
N LEU A 143 18.18 8.12 9.96
CA LEU A 143 16.91 7.70 10.52
C LEU A 143 17.00 7.48 12.03
N SER A 144 18.21 7.24 12.55
CA SER A 144 18.40 7.10 13.99
C SER A 144 17.95 8.33 14.76
N GLY A 145 17.94 9.51 14.12
CA GLY A 145 17.52 10.73 14.78
C GLY A 145 16.07 11.12 14.56
N ALA A 146 15.26 10.22 14.00
CA ALA A 146 13.89 10.57 13.61
C ALA A 146 12.97 10.63 14.82
N LYS A 147 11.90 11.41 14.68
CA LYS A 147 10.79 11.44 15.61
C LYS A 147 9.55 10.72 15.10
N VAL A 148 9.28 10.80 13.79
CA VAL A 148 8.17 10.12 13.16
C VAL A 148 8.68 9.40 11.92
N LEU A 149 8.31 8.12 11.79
CA LEU A 149 8.53 7.36 10.55
C LEU A 149 7.14 7.02 10.01
N LEU A 150 6.79 7.60 8.86
CA LEU A 150 5.51 7.33 8.22
C LEU A 150 5.72 6.34 7.09
N LEU A 151 5.17 5.14 7.25
CA LEU A 151 5.25 4.10 6.23
C LEU A 151 4.00 4.18 5.37
N ALA A 152 4.15 4.68 4.15
CA ALA A 152 3.03 4.87 3.22
C ALA A 152 3.19 3.93 2.03
N GLY A 153 2.13 3.86 1.23
CA GLY A 153 2.13 2.99 0.07
C GLY A 153 0.81 3.06 -0.66
N SER A 154 0.85 2.69 -1.92
CA SER A 154 -0.30 2.74 -2.80
C SER A 154 -0.51 1.40 -3.49
N SER A 155 -1.78 1.04 -3.71
CA SER A 155 -2.18 -0.18 -4.42
C SER A 155 -1.68 -1.38 -3.62
N ALA A 156 -0.90 -2.30 -4.20
CA ALA A 156 -0.32 -3.40 -3.43
C ALA A 156 0.59 -2.87 -2.32
N GLY A 157 1.14 -1.67 -2.49
CA GLY A 157 1.93 -1.07 -1.42
C GLY A 157 1.10 -0.56 -0.28
N GLY A 158 -0.15 -0.16 -0.54
CA GLY A 158 -1.05 0.20 0.55
C GLY A 158 -1.41 -0.99 1.41
N THR A 159 -1.70 -2.13 0.78
CA THR A 159 -1.88 -3.36 1.54
C THR A 159 -0.61 -3.73 2.27
N GLY A 160 0.55 -3.46 1.67
CA GLY A 160 1.82 -3.75 2.33
C GLY A 160 2.03 -2.93 3.58
N VAL A 161 1.48 -1.71 3.64
CA VAL A 161 1.54 -0.92 4.86
C VAL A 161 0.82 -1.65 5.99
N LEU A 162 -0.37 -2.18 5.70
CA LEU A 162 -1.14 -2.86 6.72
C LEU A 162 -0.43 -4.14 7.19
N LEU A 163 0.26 -4.83 6.28
CA LEU A 163 0.94 -6.06 6.65
C LEU A 163 2.25 -5.84 7.40
N ASN A 164 2.87 -4.67 7.28
CA ASN A 164 4.23 -4.49 7.77
C ASN A 164 4.44 -3.39 8.80
N VAL A 165 3.44 -2.55 9.08
CA VAL A 165 3.71 -1.37 9.90
C VAL A 165 4.04 -1.76 11.33
N ASP A 166 3.37 -2.77 11.89
CA ASP A 166 3.68 -3.17 13.27
C ASP A 166 5.01 -3.90 13.35
N ARG A 167 5.43 -4.58 12.29
CA ARG A 167 6.74 -5.22 12.33
C ARG A 167 7.87 -4.19 12.29
N VAL A 168 7.65 -3.05 11.62
CA VAL A 168 8.64 -2.00 11.59
C VAL A 168 8.78 -1.38 12.98
N ALA A 169 7.66 -1.07 13.62
CA ALA A 169 7.70 -0.61 15.01
C ALA A 169 8.37 -1.64 15.91
N GLU A 170 8.05 -2.92 15.69
CA GLU A 170 8.67 -4.02 16.44
C GLU A 170 10.19 -4.00 16.28
N GLN A 171 10.64 -3.89 15.04
CA GLN A 171 12.07 -3.94 14.74
C GLN A 171 12.82 -2.78 15.37
N LEU A 172 12.25 -1.58 15.32
CA LEU A 172 12.93 -0.41 15.86
C LEU A 172 13.01 -0.47 17.38
N GLU A 173 12.08 -1.17 18.02
CA GLU A 173 12.15 -1.34 19.48
C GLU A 173 13.28 -2.28 19.87
N LYS A 174 13.39 -3.42 19.19
CA LYS A 174 14.42 -4.39 19.52
C LYS A 174 15.81 -3.93 19.10
N LEU A 175 15.91 -3.01 18.14
CA LEU A 175 17.20 -2.41 17.80
C LEU A 175 17.59 -1.27 18.71
N GLY A 176 16.71 -0.85 19.63
CA GLY A 176 17.03 0.16 20.60
C GLY A 176 16.61 1.58 20.27
N TYR A 177 15.55 1.77 19.48
CA TYR A 177 15.08 3.08 19.07
C TYR A 177 13.60 3.23 19.44
N PRO A 178 13.27 3.26 20.73
CA PRO A 178 11.86 3.31 21.12
C PRO A 178 11.22 4.67 20.99
N ALA A 179 12.00 5.73 20.75
CA ALA A 179 11.45 7.08 20.65
C ALA A 179 10.87 7.40 19.29
N ILE A 180 11.14 6.58 18.27
CA ILE A 180 10.63 6.82 16.93
C ILE A 180 9.18 6.37 16.85
N GLN A 181 8.28 7.31 16.55
CA GLN A 181 6.87 6.99 16.40
C GLN A 181 6.62 6.48 14.98
N VAL A 182 6.14 5.24 14.88
CA VAL A 182 5.86 4.62 13.59
C VAL A 182 4.36 4.72 13.31
N ARG A 183 4.02 5.24 12.14
CA ARG A 183 2.64 5.39 11.70
C ARG A 183 2.52 4.85 10.28
N GLY A 184 1.27 4.68 9.83
CA GLY A 184 1.02 4.11 8.51
C GLY A 184 0.00 4.91 7.73
N LEU A 185 0.16 4.88 6.40
CA LEU A 185 -0.75 5.56 5.47
C LEU A 185 -1.00 4.61 4.31
N ALA A 186 -2.18 4.01 4.27
CA ALA A 186 -2.52 2.99 3.28
C ALA A 186 -3.44 3.58 2.21
N ASP A 187 -2.94 3.67 0.99
CA ASP A 187 -3.63 4.29 -0.14
C ASP A 187 -4.06 3.22 -1.13
N SER A 188 -5.37 3.11 -1.37
CA SER A 188 -5.93 2.22 -2.40
C SER A 188 -5.52 0.77 -2.20
N GLY A 189 -5.49 0.33 -0.94
CA GLY A 189 -5.16 -1.06 -0.64
C GLY A 189 -6.14 -1.70 0.32
N TRP A 190 -7.37 -1.20 0.33
CA TRP A 190 -8.41 -1.60 1.28
C TRP A 190 -9.51 -2.29 0.47
N PHE A 191 -9.37 -3.61 0.31
CA PHE A 191 -10.20 -4.38 -0.61
C PHE A 191 -11.22 -5.23 0.15
N LEU A 192 -12.26 -5.65 -0.57
CA LEU A 192 -13.32 -6.47 -0.02
C LEU A 192 -13.35 -7.82 -0.71
N ASP A 193 -13.57 -8.88 0.07
CA ASP A 193 -13.75 -10.23 -0.48
C ASP A 193 -15.25 -10.51 -0.68
N ASN A 194 -15.85 -9.70 -1.55
CA ASN A 194 -17.27 -9.76 -1.82
C ASN A 194 -17.58 -10.70 -2.98
N LYS A 195 -18.86 -10.84 -3.31
CA LYS A 195 -19.26 -11.59 -4.49
C LYS A 195 -18.93 -10.81 -5.76
N GLN A 196 -18.43 -11.53 -6.76
CA GLN A 196 -18.20 -10.94 -8.07
C GLN A 196 -19.53 -10.67 -8.76
N TYR A 197 -19.51 -9.72 -9.69
CA TYR A 197 -20.73 -9.41 -10.46
C TYR A 197 -21.03 -10.53 -11.44
N ARG A 198 -20.00 -11.10 -12.06
CA ARG A 198 -20.09 -12.34 -12.81
C ARG A 198 -18.98 -13.27 -12.32
N HIS A 199 -19.33 -14.55 -12.14
CA HIS A 199 -18.54 -15.47 -11.32
C HIS A 199 -17.80 -16.48 -12.18
N THR A 200 -16.53 -16.72 -11.83
CA THR A 200 -15.66 -17.65 -12.56
C THR A 200 -14.86 -18.48 -11.58
N ASP A 201 -14.78 -19.78 -11.82
CA ASP A 201 -13.98 -20.66 -10.99
C ASP A 201 -12.49 -20.48 -11.28
N CYS A 202 -11.66 -20.67 -10.25
CA CYS A 202 -10.22 -20.50 -10.37
C CYS A 202 -9.60 -21.62 -11.20
N VAL A 203 -9.56 -21.42 -12.52
CA VAL A 203 -8.95 -22.38 -13.43
C VAL A 203 -7.73 -21.79 -14.13
N ASP A 204 -7.57 -20.47 -14.13
CA ASP A 204 -6.40 -19.80 -14.68
C ASP A 204 -6.28 -18.43 -14.00
N THR A 205 -5.22 -17.70 -14.37
CA THR A 205 -4.95 -16.41 -13.72
C THR A 205 -6.13 -15.46 -13.85
N ILE A 206 -6.78 -15.43 -15.02
CA ILE A 206 -7.86 -14.48 -15.25
C ILE A 206 -9.05 -14.76 -14.35
N THR A 207 -9.40 -16.03 -14.18
CA THR A 207 -10.65 -16.41 -13.53
C THR A 207 -10.50 -16.61 -12.02
N CYS A 208 -9.29 -16.54 -11.48
CA CYS A 208 -9.05 -16.84 -10.08
CA CYS A 208 -9.05 -16.84 -10.08
C CYS A 208 -9.33 -15.60 -9.22
N ALA A 209 -10.34 -15.69 -8.35
CA ALA A 209 -10.71 -14.59 -7.48
C ALA A 209 -9.59 -14.27 -6.51
N PRO A 210 -9.56 -13.03 -5.98
CA PRO A 210 -8.46 -12.63 -5.08
C PRO A 210 -8.23 -13.56 -3.90
N THR A 211 -9.30 -14.01 -3.23
CA THR A 211 -9.12 -14.87 -2.06
C THR A 211 -8.42 -16.17 -2.44
N GLU A 212 -8.74 -16.71 -3.62
CA GLU A 212 -8.06 -17.92 -4.08
C GLU A 212 -6.62 -17.63 -4.47
N ALA A 213 -6.39 -16.53 -5.18
CA ALA A 213 -5.04 -16.20 -5.64
C ALA A 213 -4.12 -15.87 -4.47
N ILE A 214 -4.62 -15.13 -3.49
CA ILE A 214 -3.82 -14.84 -2.30
C ILE A 214 -3.52 -16.12 -1.53
N ARG A 215 -4.49 -17.03 -1.45
CA ARG A 215 -4.28 -18.28 -0.75
C ARG A 215 -3.13 -19.07 -1.36
N ARG A 216 -3.08 -19.17 -2.69
CA ARG A 216 -1.97 -19.85 -3.33
C ARG A 216 -0.70 -19.03 -3.29
N GLY A 217 -0.81 -17.70 -3.32
CA GLY A 217 0.38 -16.86 -3.27
C GLY A 217 1.15 -17.04 -1.98
N ILE A 218 0.45 -17.04 -0.84
CA ILE A 218 1.11 -17.20 0.46
C ILE A 218 1.94 -18.48 0.48
N ARG A 219 1.41 -19.57 -0.07
CA ARG A 219 2.18 -20.80 -0.17
C ARG A 219 3.35 -20.65 -1.13
N TYR A 220 3.13 -19.97 -2.26
CA TYR A 220 4.18 -19.81 -3.26
C TYR A 220 5.26 -18.83 -2.80
N TRP A 221 4.89 -17.88 -1.94
CA TRP A 221 5.80 -16.83 -1.49
C TRP A 221 6.47 -17.13 -0.17
N ASN A 222 5.94 -18.06 0.62
CA ASN A 222 6.18 -18.12 2.06
C ASN A 222 5.83 -16.78 2.70
N GLY A 223 4.57 -16.38 2.52
CA GLY A 223 4.13 -15.08 2.98
C GLY A 223 3.92 -15.02 4.48
N VAL A 224 4.10 -13.83 5.03
CA VAL A 224 3.95 -13.59 6.46
C VAL A 224 2.96 -12.45 6.68
N VAL A 225 2.24 -12.52 7.80
CA VAL A 225 1.20 -11.56 8.16
C VAL A 225 1.42 -11.13 9.61
N PRO A 226 0.82 -10.04 10.09
CA PRO A 226 1.02 -9.63 11.49
C PRO A 226 0.58 -10.72 12.45
N GLU A 227 1.32 -10.88 13.57
CA GLU A 227 1.10 -12.08 14.37
C GLU A 227 -0.30 -12.09 14.99
N ARG A 228 -0.76 -10.94 15.49
CA ARG A 228 -2.06 -10.91 16.14
C ARG A 228 -3.17 -11.31 15.17
N CYS A 229 -3.08 -10.87 13.92
CA CYS A 229 -3.99 -11.35 12.89
C CYS A 229 -3.77 -12.83 12.61
N ARG A 230 -2.50 -13.27 12.59
CA ARG A 230 -2.19 -14.68 12.39
C ARG A 230 -2.80 -15.55 13.48
N ARG A 231 -2.83 -15.05 14.72
CA ARG A 231 -3.33 -15.85 15.82
C ARG A 231 -4.84 -15.98 15.80
N GLN A 232 -5.55 -15.00 15.23
CA GLN A 232 -7.00 -15.11 15.12
C GLN A 232 -7.40 -16.12 14.04
N PHE A 233 -6.78 -16.03 12.87
CA PHE A 233 -7.23 -16.80 11.72
C PHE A 233 -6.50 -18.13 11.57
N GLN A 234 -5.26 -18.22 12.05
CA GLN A 234 -4.49 -19.46 12.15
C GLN A 234 -4.27 -20.17 10.83
N GLU A 235 -3.74 -21.40 10.89
CA GLU A 235 -2.97 -21.91 9.77
C GLU A 235 -3.92 -22.43 8.70
N GLY A 236 -3.61 -22.09 7.45
CA GLY A 236 -4.49 -22.31 6.34
C GLY A 236 -5.37 -21.11 6.00
N GLU A 237 -5.53 -20.16 6.92
CA GLU A 237 -6.48 -19.06 6.77
C GLU A 237 -5.81 -17.69 6.85
N GLU A 238 -4.50 -17.60 6.64
CA GLU A 238 -3.83 -16.31 6.76
C GLU A 238 -4.16 -15.36 5.62
N TRP A 239 -4.74 -15.85 4.52
CA TRP A 239 -5.18 -14.96 3.45
C TRP A 239 -6.15 -13.90 3.94
N ASN A 240 -6.84 -14.16 5.06
CA ASN A 240 -7.79 -13.18 5.60
C ASN A 240 -7.09 -11.88 5.98
N CYS A 241 -5.80 -11.94 6.33
CA CYS A 241 -5.09 -10.76 6.80
C CYS A 241 -4.66 -9.81 5.70
N PHE A 242 -4.81 -10.20 4.43
CA PHE A 242 -4.59 -9.27 3.31
C PHE A 242 -5.77 -8.34 3.07
N PHE A 243 -6.87 -8.48 3.80
CA PHE A 243 -8.06 -7.68 3.58
C PHE A 243 -8.19 -6.67 4.72
N GLY A 244 -8.19 -5.38 4.35
CA GLY A 244 -7.96 -4.32 5.33
C GLY A 244 -8.91 -4.34 6.50
N TYR A 245 -10.20 -4.55 6.23
CA TYR A 245 -11.19 -4.51 7.31
C TYR A 245 -11.02 -5.65 8.30
N LYS A 246 -10.27 -6.70 7.94
CA LYS A 246 -10.00 -7.79 8.87
C LYS A 246 -8.69 -7.61 9.63
N VAL A 247 -7.68 -7.00 9.02
CA VAL A 247 -6.39 -6.88 9.65
C VAL A 247 -6.25 -5.58 10.45
N TYR A 248 -6.95 -4.52 10.05
CA TYR A 248 -6.84 -3.23 10.72
C TYR A 248 -7.14 -3.30 12.22
N PRO A 249 -8.20 -3.97 12.69
CA PRO A 249 -8.46 -4.00 14.15
C PRO A 249 -7.39 -4.73 14.95
N THR A 250 -6.49 -5.49 14.31
CA THR A 250 -5.42 -6.17 15.04
C THR A 250 -4.17 -5.31 15.18
N LEU A 251 -4.10 -4.17 14.49
CA LEU A 251 -2.90 -3.35 14.50
C LEU A 251 -2.88 -2.41 15.70
N ARG A 252 -1.67 -2.09 16.15
CA ARG A 252 -1.46 -1.16 17.26
C ARG A 252 -0.96 0.20 16.79
N SER A 253 -0.23 0.25 15.67
CA SER A 253 0.28 1.52 15.16
C SER A 253 -0.86 2.33 14.54
N PRO A 254 -0.79 3.66 14.63
CA PRO A 254 -1.83 4.50 14.00
C PRO A 254 -1.74 4.44 12.48
N VAL A 255 -2.88 4.20 11.82
CA VAL A 255 -2.93 3.99 10.39
C VAL A 255 -4.02 4.88 9.80
N PHE A 256 -3.66 5.66 8.79
CA PHE A 256 -4.61 6.50 8.04
C PHE A 256 -4.93 5.79 6.73
N VAL A 257 -6.21 5.67 6.41
CA VAL A 257 -6.68 4.85 5.30
C VAL A 257 -7.28 5.76 4.22
N VAL A 258 -6.76 5.64 2.99
CA VAL A 258 -7.29 6.34 1.83
C VAL A 258 -7.83 5.30 0.85
N GLN A 259 -9.07 5.49 0.40
CA GLN A 259 -9.72 4.49 -0.45
C GLN A 259 -10.88 5.14 -1.19
N TRP A 260 -10.85 5.10 -2.52
CA TRP A 260 -12.02 5.45 -3.31
C TRP A 260 -13.16 4.49 -2.98
N LEU A 261 -14.39 5.01 -2.93
CA LEU A 261 -15.52 4.11 -2.72
C LEU A 261 -15.73 3.19 -3.91
N PHE A 262 -15.32 3.61 -5.10
CA PHE A 262 -15.49 2.78 -6.30
C PHE A 262 -14.14 2.56 -6.98
N ASP A 263 -13.22 1.91 -6.26
CA ASP A 263 -11.87 1.69 -6.76
C ASP A 263 -11.88 0.81 -8.00
N GLU A 264 -11.10 1.22 -9.02
CA GLU A 264 -11.12 0.50 -10.29
C GLU A 264 -10.55 -0.90 -10.16
N ALA A 265 -9.52 -1.08 -9.31
CA ALA A 265 -8.96 -2.41 -9.11
C ALA A 265 -9.96 -3.32 -8.43
N GLN A 266 -10.75 -2.79 -7.50
CA GLN A 266 -11.80 -3.59 -6.87
C GLN A 266 -12.86 -4.02 -7.88
N LEU A 267 -13.27 -3.11 -8.77
CA LEU A 267 -14.24 -3.50 -9.79
C LEU A 267 -13.64 -4.48 -10.80
N THR A 268 -12.33 -4.41 -11.03
CA THR A 268 -11.69 -5.35 -11.94
C THR A 268 -11.81 -6.78 -11.42
N VAL A 269 -11.41 -7.01 -10.16
CA VAL A 269 -11.50 -8.34 -9.58
C VAL A 269 -12.94 -8.76 -9.31
N ASP A 270 -13.89 -7.84 -9.38
CA ASP A 270 -15.31 -8.17 -9.35
C ASP A 270 -15.88 -8.41 -10.73
N ASN A 271 -15.06 -8.37 -11.77
CA ASN A 271 -15.47 -8.64 -13.15
C ASN A 271 -16.48 -7.61 -13.65
N VAL A 272 -16.26 -6.34 -13.30
CA VAL A 272 -17.08 -5.23 -13.75
C VAL A 272 -16.27 -4.39 -14.73
N HIS A 273 -16.83 -4.14 -15.91
CA HIS A 273 -16.16 -3.35 -16.95
C HIS A 273 -17.20 -2.43 -17.57
N LEU A 274 -17.04 -1.13 -17.37
CA LEU A 274 -18.04 -0.16 -17.76
C LEU A 274 -17.86 0.32 -19.20
N PRO A 278 -23.74 2.46 -20.36
CA PRO A 278 -25.19 2.38 -20.18
C PRO A 278 -25.60 1.29 -19.18
N VAL A 279 -25.70 1.69 -17.92
CA VAL A 279 -25.79 0.74 -16.81
C VAL A 279 -27.25 0.34 -16.59
N GLN A 280 -27.52 -0.96 -16.62
CA GLN A 280 -28.84 -1.50 -16.35
C GLN A 280 -29.02 -1.70 -14.85
N GLU A 281 -30.24 -2.12 -14.45
CA GLU A 281 -30.60 -2.13 -13.04
C GLU A 281 -29.71 -3.06 -12.23
N GLY A 282 -29.48 -4.28 -12.73
CA GLY A 282 -28.68 -5.23 -11.98
C GLY A 282 -27.29 -4.71 -11.65
N LEU A 283 -26.65 -4.06 -12.62
CA LEU A 283 -25.33 -3.50 -12.38
C LEU A 283 -25.39 -2.25 -11.50
N ARG A 284 -26.44 -1.44 -11.64
CA ARG A 284 -26.58 -0.25 -10.81
C ARG A 284 -26.68 -0.63 -9.34
N LEU A 285 -27.50 -1.63 -9.02
CA LEU A 285 -27.61 -2.07 -7.63
C LEU A 285 -26.30 -2.65 -7.13
N TYR A 286 -25.57 -3.38 -7.98
CA TYR A 286 -24.27 -3.91 -7.58
C TYR A 286 -23.31 -2.79 -7.21
N ILE A 287 -23.20 -1.78 -8.09
CA ILE A 287 -22.26 -0.69 -7.84
C ILE A 287 -22.66 0.09 -6.60
N GLN A 288 -23.96 0.35 -6.43
CA GLN A 288 -24.43 1.08 -5.26
C GLN A 288 -24.20 0.28 -3.98
N ASN A 289 -24.39 -1.04 -4.04
CA ASN A 289 -24.13 -1.88 -2.88
C ASN A 289 -22.65 -1.93 -2.53
N LEU A 290 -21.77 -1.89 -3.53
CA LEU A 290 -20.34 -1.88 -3.26
C LEU A 290 -19.93 -0.63 -2.49
N GLY A 291 -20.44 0.54 -2.91
CA GLY A 291 -20.15 1.76 -2.19
C GLY A 291 -20.63 1.73 -0.75
N ARG A 292 -21.81 1.12 -0.52
CA ARG A 292 -22.31 1.01 0.85
C ARG A 292 -21.39 0.16 1.71
N GLU A 293 -21.02 -1.01 1.21
CA GLU A 293 -20.21 -1.94 1.98
C GLU A 293 -18.87 -1.31 2.35
N LEU A 294 -18.26 -0.60 1.42
N LEU A 294 -18.24 -0.60 1.43
CA LEU A 294 -16.99 0.06 1.69
CA LEU A 294 -16.97 0.04 1.76
C LEU A 294 -17.15 1.13 2.77
C LEU A 294 -17.16 1.14 2.79
N ARG A 295 -18.21 1.95 2.65
CA ARG A 295 -18.51 2.94 3.68
C ARG A 295 -18.70 2.28 5.04
N HIS A 296 -19.35 1.11 5.05
CA HIS A 296 -19.63 0.44 6.32
C HIS A 296 -18.35 -0.04 6.99
N THR A 297 -17.38 -0.51 6.21
CA THR A 297 -16.14 -1.01 6.80
C THR A 297 -15.26 0.09 7.35
N LEU A 298 -15.48 1.34 6.94
CA LEU A 298 -14.69 2.47 7.42
C LEU A 298 -15.36 3.18 8.59
N LYS A 299 -16.47 2.64 9.10
CA LYS A 299 -17.29 3.35 10.08
C LYS A 299 -16.56 3.50 11.41
N ASP A 300 -15.74 2.52 11.77
CA ASP A 300 -14.92 2.57 12.98
C ASP A 300 -13.45 2.85 12.68
N VAL A 301 -13.17 3.51 11.56
CA VAL A 301 -11.80 3.88 11.21
C VAL A 301 -11.67 5.38 11.40
N PRO A 302 -11.12 5.86 12.51
CA PRO A 302 -11.21 7.30 12.81
C PRO A 302 -10.43 8.18 11.85
N ALA A 303 -9.36 7.70 11.24
CA ALA A 303 -8.56 8.49 10.31
C ALA A 303 -8.70 7.88 8.91
N SER A 304 -9.52 8.52 8.06
CA SER A 304 -9.79 7.96 6.75
C SER A 304 -10.25 9.04 5.79
N PHE A 305 -10.05 8.76 4.50
CA PHE A 305 -10.38 9.67 3.40
C PHE A 305 -10.94 8.81 2.27
N ALA A 306 -12.24 8.91 2.01
CA ALA A 306 -12.93 7.98 1.10
C ALA A 306 -13.90 8.72 0.20
N PRO A 307 -13.41 9.28 -0.92
CA PRO A 307 -14.29 9.98 -1.84
C PRO A 307 -15.07 9.03 -2.74
N ALA A 308 -16.27 9.47 -3.13
CA ALA A 308 -17.16 8.67 -3.98
C ALA A 308 -16.78 8.88 -5.45
N CYS A 309 -15.67 8.27 -5.85
CA CYS A 309 -15.16 8.38 -7.20
C CYS A 309 -14.82 7.01 -7.76
N LEU A 310 -14.96 6.91 -9.08
CA LEU A 310 -14.46 5.79 -9.87
C LEU A 310 -13.06 6.15 -10.35
N SER A 311 -12.04 5.57 -9.73
CA SER A 311 -10.69 6.04 -10.02
C SER A 311 -9.65 4.98 -9.70
N HIS A 312 -8.49 5.15 -10.34
CA HIS A 312 -7.28 4.40 -10.03
C HIS A 312 -6.15 5.31 -9.60
N GLU A 313 -6.41 6.59 -9.40
CA GLU A 313 -5.36 7.55 -9.08
C GLU A 313 -4.90 7.42 -7.64
N ILE A 314 -3.73 8.00 -7.37
CA ILE A 314 -2.87 7.61 -6.26
C ILE A 314 -2.09 8.82 -5.75
N ILE A 315 -1.70 8.77 -4.48
CA ILE A 315 -1.25 9.95 -3.74
C ILE A 315 0.14 10.43 -4.13
N ILE A 316 0.81 9.74 -5.05
CA ILE A 316 2.06 10.28 -5.59
C ILE A 316 1.83 11.01 -6.91
N ARG A 317 0.59 11.26 -7.28
CA ARG A 317 0.33 12.06 -8.48
C ARG A 317 0.40 13.54 -8.13
N SER A 318 0.78 14.34 -9.13
CA SER A 318 1.11 15.74 -8.87
C SER A 318 -0.09 16.55 -8.40
N HIS A 319 -1.30 16.19 -8.85
CA HIS A 319 -2.50 16.95 -8.53
C HIS A 319 -3.31 16.31 -7.40
N TRP A 320 -2.64 15.64 -6.46
CA TRP A 320 -3.32 14.97 -5.37
C TRP A 320 -4.00 15.93 -4.40
N THR A 321 -3.72 17.23 -4.48
CA THR A 321 -4.32 18.22 -3.58
C THR A 321 -5.74 18.60 -4.00
N ASP A 322 -6.18 18.20 -5.20
CA ASP A 322 -7.39 18.79 -5.78
C ASP A 322 -8.68 18.18 -5.25
N VAL A 323 -8.68 16.89 -4.90
N VAL A 323 -8.66 16.91 -4.83
CA VAL A 323 -9.92 16.28 -4.44
CA VAL A 323 -9.87 16.22 -4.40
C VAL A 323 -10.24 16.78 -3.04
C VAL A 323 -10.23 16.61 -2.97
N GLN A 324 -11.53 16.87 -2.73
CA GLN A 324 -12.00 17.25 -1.41
C GLN A 324 -13.21 16.39 -1.03
N VAL A 325 -13.31 16.09 0.26
CA VAL A 325 -14.50 15.46 0.84
C VAL A 325 -15.04 16.40 1.89
N LYS A 326 -16.30 16.81 1.73
CA LYS A 326 -16.95 17.74 2.65
C LYS A 326 -16.15 19.04 2.80
N GLY A 327 -15.46 19.44 1.73
CA GLY A 327 -14.71 20.67 1.70
C GLY A 327 -13.29 20.59 2.21
N THR A 328 -12.79 19.40 2.55
CA THR A 328 -11.46 19.23 3.11
C THR A 328 -10.62 18.36 2.18
N SER A 329 -9.40 18.81 1.90
CA SER A 329 -8.49 18.07 1.03
C SER A 329 -7.75 17.00 1.82
N LEU A 330 -7.13 16.07 1.08
CA LEU A 330 -6.31 15.05 1.74
C LEU A 330 -5.08 15.63 2.44
N PRO A 331 -4.31 16.55 1.84
CA PRO A 331 -3.20 17.14 2.59
C PRO A 331 -3.63 17.83 3.87
N ARG A 332 -4.82 18.45 3.91
CA ARG A 332 -5.29 19.04 5.15
C ARG A 332 -5.68 17.96 6.16
N ALA A 333 -6.38 16.92 5.70
CA ALA A 333 -6.76 15.83 6.59
C ALA A 333 -5.52 15.20 7.23
N LEU A 334 -4.46 15.01 6.46
CA LEU A 334 -3.24 14.45 7.01
C LEU A 334 -2.60 15.38 8.02
N HIS A 335 -2.68 16.70 7.78
CA HIS A 335 -2.19 17.66 8.77
C HIS A 335 -3.01 17.61 10.04
N CYS A 336 -4.34 17.47 9.91
CA CYS A 336 -5.19 17.31 11.09
C CYS A 336 -4.84 16.05 11.86
N TRP A 337 -4.57 14.96 11.14
CA TRP A 337 -4.10 13.73 11.77
C TRP A 337 -2.83 13.97 12.58
N ASP A 338 -1.88 14.70 12.00
CA ASP A 338 -0.65 15.05 12.71
C ASP A 338 -0.96 15.76 14.03
N ARG A 339 -1.85 16.75 13.98
CA ARG A 339 -2.19 17.50 15.19
C ARG A 339 -2.85 16.60 16.23
N SER A 340 -3.74 15.71 15.80
CA SER A 340 -4.44 14.83 16.73
C SER A 340 -3.51 13.84 17.41
N LEU A 341 -2.31 13.64 16.88
CA LEU A 341 -1.34 12.72 17.46
C LEU A 341 -0.25 13.44 18.27
N HIS A 342 -0.40 14.74 18.51
CA HIS A 342 0.40 15.38 19.55
C HIS A 342 -0.02 14.84 20.91
N PRO A 351 -11.27 16.25 20.06
CA PRO A 351 -11.39 16.60 18.64
C PRO A 351 -11.18 18.08 18.29
N LEU A 352 -10.75 18.30 17.05
CA LEU A 352 -10.17 19.56 16.62
C LEU A 352 -11.21 20.39 15.88
N LYS A 353 -11.26 21.69 16.19
CA LYS A 353 -12.23 22.58 15.56
C LYS A 353 -11.87 22.79 14.09
N GLY A 354 -12.79 22.41 13.20
CA GLY A 354 -12.63 22.67 11.78
C GLY A 354 -11.43 22.02 11.14
N CYS A 355 -10.92 20.93 11.72
CA CYS A 355 -9.74 20.25 11.20
C CYS A 355 -10.00 18.75 11.37
N PRO A 356 -10.84 18.19 10.50
CA PRO A 356 -11.32 16.82 10.69
C PRO A 356 -10.38 15.76 10.13
N VAL A 357 -10.55 14.54 10.63
CA VAL A 357 -9.71 13.42 10.22
C VAL A 357 -10.52 12.26 9.64
N HIS A 358 -11.84 12.20 9.87
CA HIS A 358 -12.69 11.12 9.34
C HIS A 358 -13.58 11.72 8.26
N LEU A 359 -13.28 11.40 7.00
CA LEU A 359 -13.92 12.03 5.84
C LEU A 359 -14.34 10.94 4.86
N VAL A 360 -15.59 10.50 4.97
CA VAL A 360 -16.15 9.46 4.10
C VAL A 360 -17.38 10.03 3.41
N ASP A 361 -17.36 10.05 2.08
CA ASP A 361 -18.52 10.47 1.32
C ASP A 361 -19.71 9.57 1.60
N SER A 362 -20.91 10.14 1.50
CA SER A 362 -22.13 9.38 1.69
C SER A 362 -23.03 9.33 0.45
N CYS A 363 -22.69 10.05 -0.62
CA CYS A 363 -23.51 9.98 -1.83
C CYS A 363 -23.21 8.70 -2.62
N PRO A 364 -24.21 8.15 -3.31
CA PRO A 364 -24.18 6.73 -3.70
C PRO A 364 -23.65 6.37 -5.08
N TRP A 365 -23.18 7.31 -5.90
CA TRP A 365 -22.85 6.98 -7.28
C TRP A 365 -21.51 7.60 -7.66
N PRO A 366 -20.73 6.93 -8.54
CA PRO A 366 -19.47 7.54 -9.02
C PRO A 366 -19.62 8.95 -9.55
N HIS A 367 -18.90 9.85 -8.86
CA HIS A 367 -18.52 11.19 -9.26
C HIS A 367 -19.56 12.16 -8.72
N CYS A 368 -20.45 11.66 -7.85
CA CYS A 368 -21.38 12.55 -7.16
C CYS A 368 -20.66 13.61 -6.34
N ASN A 369 -19.41 13.35 -6.00
CA ASN A 369 -18.53 14.37 -5.47
C ASN A 369 -17.94 15.13 -6.65
N PRO A 370 -18.17 16.45 -6.77
CA PRO A 370 -17.74 17.18 -7.97
C PRO A 370 -16.22 17.25 -8.13
N SER A 371 -15.45 17.06 -7.07
CA SER A 371 -14.00 17.19 -7.13
C SER A 371 -13.29 15.89 -7.53
N CYS A 372 -14.03 14.91 -8.03
CA CYS A 372 -13.42 13.63 -8.39
C CYS A 372 -12.42 13.83 -9.52
N PRO A 373 -11.37 13.00 -9.57
CA PRO A 373 -10.38 13.14 -10.65
C PRO A 373 -11.01 12.95 -12.02
N THR A 374 -10.50 13.70 -12.99
CA THR A 374 -11.06 13.71 -14.33
C THR A 374 -10.42 12.64 -15.21
S SO4 B . 9.91 -3.31 -18.43
O1 SO4 B . 9.57 -3.07 -17.03
O2 SO4 B . 9.34 -2.25 -19.26
O3 SO4 B . 9.37 -4.60 -18.85
O4 SO4 B . 11.37 -3.31 -18.58
C1 NAG C . 21.24 -10.00 5.24
C2 NAG C . 21.70 -10.16 6.70
C3 NAG C . 21.17 -11.46 7.32
C4 NAG C . 19.69 -11.66 7.04
C5 NAG C . 19.44 -11.54 5.55
C6 NAG C . 17.99 -11.73 5.16
C7 NAG C . 23.84 -9.10 7.29
C8 NAG C . 25.34 -9.25 7.27
N2 NAG C . 23.15 -10.13 6.77
O3 NAG C . 21.38 -11.41 8.73
O4 NAG C . 19.28 -12.96 7.49
O5 NAG C . 19.83 -10.23 5.14
O6 NAG C . 17.16 -10.76 5.78
O7 NAG C . 23.29 -8.10 7.74
C01 T1Z D . -3.96 -6.19 -3.58
C02 T1Z D . -4.53 -6.98 -2.59
C03 T1Z D . -5.80 -7.50 -2.77
C04 T1Z D . -6.50 -7.22 -3.92
C05 T1Z D . -5.94 -6.43 -4.91
C06 T1Z D . -4.67 -5.92 -4.74
C08 T1Z D . -4.73 -4.22 -6.38
C09 T1Z D . -3.80 -3.64 -7.21
C12 T1Z D . -4.06 -2.53 -8.22
N07 T1Z D . -4.12 -5.15 -5.67
N10 T1Z D . -2.63 -4.22 -7.00
N11 T1Z D . -2.80 -5.16 -6.03
O13 T1Z D . -2.84 -2.06 -8.70
CL1 T1Z D . -8.14 -7.89 -4.14
CL2 T1Z D . -6.53 -8.51 -1.50
S SO4 E . 8.97 -22.64 -9.41
O1 SO4 E . 8.65 -21.30 -9.89
O2 SO4 E . 9.87 -22.54 -8.26
O3 SO4 E . 7.73 -23.32 -9.01
O4 SO4 E . 9.62 -23.40 -10.48
S SO4 F . 6.59 20.21 6.51
O1 SO4 F . 7.31 21.44 6.83
O2 SO4 F . 5.92 19.71 7.71
O3 SO4 F . 5.60 20.47 5.47
O4 SO4 F . 7.55 19.21 6.04
C1 EDO G . 20.54 2.00 20.00
O1 EDO G . 21.62 1.87 20.93
C2 EDO G . 21.00 1.45 18.64
O2 EDO G . 22.41 1.66 18.52
C1 EDO H . -23.96 -4.69 -18.19
O1 EDO H . -24.30 -5.92 -17.55
C2 EDO H . -22.88 -4.94 -19.22
O2 EDO H . -21.81 -5.67 -18.63
C1 EDO I . 21.66 12.51 -0.64
O1 EDO I . 22.21 12.94 0.60
C2 EDO I . 20.15 12.61 -0.60
O2 EDO I . 19.76 13.98 -0.41
C1 EDO J . -4.79 1.15 14.63
O1 EDO J . -4.19 1.40 15.91
C2 EDO J . -5.71 2.31 14.28
O2 EDO J . -4.95 3.43 13.82
C1 EDO K . 11.04 19.26 9.93
O1 EDO K . 10.12 18.51 9.13
C2 EDO K . 10.81 19.00 11.43
O2 EDO K . 11.66 17.95 11.91
C1 EDO L . -13.53 -12.13 -3.65
O1 EDO L . -12.18 -12.60 -3.74
C2 EDO L . -13.71 -10.96 -4.59
O2 EDO L . -12.58 -10.08 -4.45
C1 EDO M . 7.24 8.86 -7.49
O1 EDO M . 7.17 10.16 -6.91
C2 EDO M . 8.64 8.29 -7.34
O2 EDO M . 9.46 8.73 -8.43
C1 EDO N . -5.98 12.35 -2.92
O1 EDO N . -6.29 13.02 -4.15
C2 EDO N . -6.32 10.87 -3.05
O2 EDO N . -5.60 10.32 -4.16
C1 EDO O . -33.49 0.22 -16.07
O1 EDO O . -33.69 0.40 -14.67
C2 EDO O . -32.75 -1.08 -16.32
O2 EDO O . -32.03 -1.00 -17.55
C1 EDO P . 19.95 5.37 -15.92
O1 EDO P . 19.73 6.46 -15.01
C2 EDO P . 21.41 4.93 -15.81
O2 EDO P . 22.18 5.98 -15.22
C1 EDO Q . 6.17 -11.00 13.70
O1 EDO Q . 6.45 -12.39 13.58
C2 EDO Q . 4.81 -10.70 13.08
O2 EDO Q . 4.32 -9.44 13.56
#